data_4AP8
#
_entry.id   4AP8
#
_cell.length_a   138.968
_cell.length_b   138.968
_cell.length_c   159.574
_cell.angle_alpha   90.00
_cell.angle_beta   90.00
_cell.angle_gamma   120.00
#
_symmetry.space_group_name_H-M   'P 31 2 1'
#
loop_
_entity.id
_entity.type
_entity.pdbx_description
1 polymer 'MOLYBDOPTERIN SYNTHASE CATALYTIC SUBUNIT'
2 non-polymer GLYCEROL
3 non-polymer 1,2-ETHANEDIOL
4 water water
#
_entity_poly.entity_id   1
_entity_poly.type   'polypeptide(L)'
_entity_poly.pdbx_seq_one_letter_code
;EVEEKSKDVINFTAEKLSVDEVSQLVISPLCGAISLFVGTTRNNFEGKKVISLEYEAYLPMAENEVRKICSDIRQKWPVK
HIAVFHRLGLVPVSEASIIIAVSSAHRAASLEAVSYAIDTLKAKVPIWKKEIYEE
;
_entity_poly.pdbx_strand_id   A,B,C,D
#
loop_
_chem_comp.id
_chem_comp.type
_chem_comp.name
_chem_comp.formula
EDO non-polymer 1,2-ETHANEDIOL 'C2 H6 O2'
GOL non-polymer GLYCEROL 'C3 H8 O3'
#
# COMPACT_ATOMS: atom_id res chain seq x y z
N GLU A 1 -34.98 16.07 10.78
CA GLU A 1 -34.67 14.58 10.95
C GLU A 1 -34.79 13.73 9.64
N VAL A 2 -34.47 14.27 8.43
CA VAL A 2 -34.20 13.42 7.21
C VAL A 2 -32.91 12.58 7.40
N GLU A 3 -32.84 11.39 6.79
CA GLU A 3 -31.56 10.64 6.70
C GLU A 3 -30.78 11.19 5.49
N GLU A 4 -29.49 11.44 5.68
CA GLU A 4 -28.54 11.82 4.60
C GLU A 4 -27.40 10.79 4.56
N LYS A 5 -27.30 9.95 3.53
CA LYS A 5 -26.34 8.83 3.59
C LYS A 5 -24.93 9.51 3.75
N SER A 6 -24.15 9.03 4.71
CA SER A 6 -22.74 9.44 4.89
C SER A 6 -21.87 9.04 3.71
N LYS A 7 -20.89 9.88 3.35
CA LYS A 7 -20.10 9.69 2.13
C LYS A 7 -18.60 9.60 2.38
N ASP A 8 -17.96 8.74 1.59
CA ASP A 8 -16.51 8.63 1.52
C ASP A 8 -16.20 8.93 0.05
N VAL A 9 -15.57 10.05 -0.26
CA VAL A 9 -15.32 10.39 -1.66
C VAL A 9 -13.83 10.30 -1.85
N ILE A 10 -13.42 9.32 -2.63
CA ILE A 10 -12.00 9.09 -2.83
C ILE A 10 -11.67 9.23 -4.31
N ASN A 11 -10.65 10.03 -4.60
CA ASN A 11 -10.27 10.27 -5.97
C ASN A 11 -8.77 10.53 -6.23
N PHE A 12 -8.25 9.76 -7.17
CA PHE A 12 -6.93 9.96 -7.67
C PHE A 12 -7.14 10.51 -9.06
N THR A 13 -6.38 11.55 -9.39
CA THR A 13 -6.66 12.38 -10.55
C THR A 13 -5.42 13.12 -10.97
N ALA A 14 -5.35 13.43 -12.24
CA ALA A 14 -4.19 14.15 -12.76
C ALA A 14 -4.50 15.66 -12.75
N GLU A 15 -5.76 15.98 -12.50
CA GLU A 15 -6.23 17.35 -12.53
CA GLU A 15 -6.28 17.33 -12.50
C GLU A 15 -5.84 18.16 -11.29
N LYS A 16 -5.75 19.48 -11.48
CA LYS A 16 -5.50 20.47 -10.43
C LYS A 16 -6.59 20.32 -9.35
N LEU A 17 -6.19 20.23 -8.09
CA LEU A 17 -7.12 20.04 -6.99
C LEU A 17 -7.63 21.40 -6.51
N SER A 18 -8.90 21.50 -6.14
CA SER A 18 -9.49 22.74 -5.64
C SER A 18 -9.97 22.56 -4.22
N VAL A 19 -9.38 23.34 -3.33
CA VAL A 19 -9.79 23.32 -1.94
C VAL A 19 -11.28 23.70 -1.81
N ASP A 20 -11.75 24.62 -2.64
CA ASP A 20 -13.16 24.88 -2.60
C ASP A 20 -14.00 23.67 -3.00
N GLU A 21 -13.74 23.08 -4.18
CA GLU A 21 -14.58 21.96 -4.61
C GLU A 21 -14.61 20.82 -3.59
N VAL A 22 -13.47 20.55 -2.96
CA VAL A 22 -13.40 19.45 -1.98
C VAL A 22 -14.20 19.77 -0.71
N SER A 23 -14.05 20.97 -0.18
CA SER A 23 -14.90 21.38 0.96
C SER A 23 -16.38 21.21 0.66
N GLN A 24 -16.84 21.55 -0.56
CA GLN A 24 -18.27 21.37 -0.92
C GLN A 24 -18.71 19.92 -0.75
N LEU A 25 -17.82 18.97 -1.01
CA LEU A 25 -18.21 17.58 -1.00
C LEU A 25 -18.55 17.07 0.38
N VAL A 26 -18.06 17.70 1.45
CA VAL A 26 -18.29 17.18 2.79
C VAL A 26 -19.21 18.08 3.60
N ILE A 27 -19.80 19.07 2.94
CA ILE A 27 -20.74 20.00 3.59
C ILE A 27 -21.99 19.26 4.06
N SER A 28 -22.43 19.57 5.27
CA SER A 28 -23.70 19.04 5.75
C SER A 28 -24.37 20.01 6.73
N PRO A 29 -25.70 19.99 6.70
CA PRO A 29 -26.47 20.78 7.61
C PRO A 29 -26.44 20.19 8.98
N LEU A 30 -26.03 18.92 9.08
CA LEU A 30 -25.90 18.28 10.39
C LEU A 30 -24.53 18.53 10.98
N CYS A 31 -23.61 19.11 10.20
CA CYS A 31 -22.26 19.36 10.68
C CYS A 31 -21.94 20.80 10.92
N GLY A 32 -21.23 20.99 12.04
CA GLY A 32 -20.70 22.29 12.45
C GLY A 32 -19.21 22.47 12.24
N ALA A 33 -18.51 21.42 11.84
CA ALA A 33 -17.05 21.47 11.72
C ALA A 33 -16.63 20.79 10.49
N ILE A 34 -15.72 21.42 9.77
CA ILE A 34 -15.06 20.80 8.64
C ILE A 34 -13.59 21.08 8.84
N SER A 35 -12.75 20.04 8.84
CA SER A 35 -11.32 20.24 8.93
C SER A 35 -10.71 19.83 7.62
N LEU A 36 -9.65 20.52 7.19
CA LEU A 36 -9.00 20.16 5.94
C LEU A 36 -7.52 20.13 6.07
N PHE A 37 -6.91 19.30 5.24
CA PHE A 37 -5.49 19.37 5.07
C PHE A 37 -5.18 19.47 3.62
N VAL A 38 -4.28 20.39 3.29
CA VAL A 38 -3.82 20.58 1.93
C VAL A 38 -2.32 20.36 1.89
N GLY A 39 -1.87 19.44 1.04
CA GLY A 39 -0.45 19.17 0.81
C GLY A 39 0.03 19.83 -0.46
N THR A 40 1.06 20.66 -0.35
CA THR A 40 1.53 21.47 -1.48
C THR A 40 2.98 21.11 -1.75
N THR A 41 3.40 21.35 -2.99
CA THR A 41 4.78 21.13 -3.38
C THR A 41 5.62 22.28 -2.89
N ARG A 42 6.52 21.96 -1.96
CA ARG A 42 7.44 22.96 -1.46
C ARG A 42 8.60 23.12 -2.44
N ASN A 43 9.15 24.33 -2.51
CA ASN A 43 10.17 24.68 -3.50
C ASN A 43 11.61 24.32 -3.13
N ASN A 44 11.77 23.41 -2.17
CA ASN A 44 13.10 22.90 -1.84
C ASN A 44 13.08 21.59 -1.07
N PHE A 45 14.18 20.86 -1.17
CA PHE A 45 14.37 19.61 -0.47
C PHE A 45 15.85 19.47 -0.18
N GLU A 46 16.16 19.25 1.10
CA GLU A 46 17.55 19.12 1.55
C GLU A 46 18.53 19.98 0.74
N GLY A 47 18.36 21.30 0.77
CA GLY A 47 19.29 22.23 0.12
C GLY A 47 18.98 22.59 -1.32
N LYS A 48 18.68 21.60 -2.17
CA LYS A 48 18.52 21.83 -3.62
C LYS A 48 17.07 22.41 -3.92
N LYS A 49 16.97 23.25 -4.96
CA LYS A 49 15.72 23.87 -5.42
C LYS A 49 14.85 22.83 -6.15
N VAL A 50 13.58 22.72 -5.75
CA VAL A 50 12.62 21.83 -6.40
C VAL A 50 11.70 22.63 -7.30
N ILE A 51 11.43 22.12 -8.51
CA ILE A 51 10.43 22.78 -9.39
C ILE A 51 9.10 22.07 -9.42
N SER A 52 9.10 20.75 -9.29
CA SER A 52 7.86 20.03 -9.06
C SER A 52 8.11 18.69 -8.37
N LEU A 53 7.02 18.08 -7.92
CA LEU A 53 7.04 16.71 -7.44
C LEU A 53 6.18 15.90 -8.38
N GLU A 54 6.65 14.68 -8.64
CA GLU A 54 5.91 13.75 -9.47
C GLU A 54 5.42 12.61 -8.60
N TYR A 55 4.13 12.31 -8.70
CA TYR A 55 3.52 11.30 -7.88
C TYR A 55 2.98 10.16 -8.76
N GLU A 56 3.26 8.91 -8.35
CA GLU A 56 2.70 7.74 -9.01
C GLU A 56 2.12 6.83 -7.99
N ALA A 57 0.93 6.32 -8.30
CA ALA A 57 0.08 5.63 -7.34
C ALA A 57 -0.08 4.19 -7.83
N TYR A 58 0.07 3.20 -6.97
CA TYR A 58 -0.14 1.82 -7.33
C TYR A 58 -1.61 1.58 -7.14
N LEU A 59 -2.32 1.35 -8.22
CA LEU A 59 -3.73 1.19 -8.12
C LEU A 59 -4.15 -0.17 -8.58
N PRO A 60 -5.24 -0.68 -8.04
CA PRO A 60 -6.14 0.01 -7.12
C PRO A 60 -5.71 -0.10 -5.68
N MET A 61 -4.58 -0.70 -5.40
CA MET A 61 -4.22 -0.80 -4.00
C MET A 61 -4.39 0.55 -3.25
N ALA A 62 -3.86 1.65 -3.80
CA ALA A 62 -3.92 2.92 -3.10
C ALA A 62 -5.35 3.30 -2.75
N GLU A 63 -6.29 3.08 -3.66
CA GLU A 63 -7.69 3.28 -3.32
C GLU A 63 -8.06 2.39 -2.14
N ASN A 64 -7.72 1.12 -2.22
CA ASN A 64 -8.17 0.22 -1.17
C ASN A 64 -7.64 0.65 0.17
N GLU A 65 -6.43 1.19 0.19
CA GLU A 65 -5.87 1.61 1.46
C GLU A 65 -6.57 2.83 2.01
N VAL A 66 -6.99 3.74 1.13
CA VAL A 66 -7.72 4.91 1.55
C VAL A 66 -9.09 4.52 2.08
N ARG A 67 -9.71 3.52 1.49
CA ARG A 67 -10.97 3.02 2.04
CA ARG A 67 -10.96 3.03 2.05
C ARG A 67 -10.75 2.47 3.43
N LYS A 68 -9.61 1.82 3.67
CA LYS A 68 -9.36 1.27 5.03
C LYS A 68 -9.26 2.41 5.99
N ILE A 69 -8.59 3.47 5.57
CA ILE A 69 -8.46 4.59 6.45
C ILE A 69 -9.82 5.14 6.81
N CYS A 70 -10.68 5.27 5.81
CA CYS A 70 -12.00 5.77 6.07
C CYS A 70 -12.75 4.83 7.01
N SER A 71 -12.75 3.54 6.74
CA SER A 71 -13.42 2.64 7.64
C SER A 71 -12.88 2.84 9.08
N ASP A 72 -11.57 2.87 9.23
CA ASP A 72 -11.01 2.98 10.57
C ASP A 72 -11.44 4.24 11.27
N ILE A 73 -11.44 5.34 10.52
CA ILE A 73 -11.86 6.59 11.09
C ILE A 73 -13.26 6.43 11.63
N ARG A 74 -14.12 5.85 10.83
CA ARG A 74 -15.54 5.81 11.21
C ARG A 74 -15.77 4.92 12.40
N GLN A 75 -14.84 4.04 12.69
CA GLN A 75 -14.97 3.21 13.90
C GLN A 75 -14.60 3.94 15.16
N LYS A 76 -13.71 4.92 15.08
CA LYS A 76 -13.31 5.63 16.30
C LYS A 76 -14.01 6.96 16.49
N TRP A 77 -14.39 7.62 15.42
CA TRP A 77 -14.91 8.97 15.51
C TRP A 77 -16.20 9.12 14.77
N PRO A 78 -17.06 9.98 15.27
CA PRO A 78 -18.37 10.24 14.72
C PRO A 78 -18.34 11.28 13.62
N VAL A 79 -17.68 10.94 12.54
CA VAL A 79 -17.60 11.88 11.44
C VAL A 79 -18.78 11.62 10.56
N LYS A 80 -19.03 12.52 9.63
CA LYS A 80 -20.14 12.40 8.71
C LYS A 80 -19.64 12.15 7.32
N HIS A 81 -18.95 13.12 6.69
CA HIS A 81 -18.40 12.91 5.34
C HIS A 81 -16.91 12.97 5.33
N ILE A 82 -16.27 12.11 4.55
CA ILE A 82 -14.83 12.15 4.35
C ILE A 82 -14.55 12.29 2.88
N ALA A 83 -13.52 13.07 2.55
CA ALA A 83 -13.07 13.21 1.16
C ALA A 83 -11.56 13.24 1.11
N VAL A 84 -11.00 12.45 0.20
CA VAL A 84 -9.56 12.32 0.06
C VAL A 84 -9.26 12.38 -1.43
N PHE A 85 -8.58 13.45 -1.84
CA PHE A 85 -8.19 13.64 -3.23
C PHE A 85 -6.67 13.73 -3.29
N HIS A 86 -6.09 12.93 -4.18
CA HIS A 86 -4.66 12.94 -4.43
C HIS A 86 -4.41 13.17 -5.87
N ARG A 87 -3.45 14.04 -6.14
CA ARG A 87 -3.14 14.36 -7.49
C ARG A 87 -2.02 13.48 -7.91
N LEU A 88 -2.01 13.10 -9.17
CA LEU A 88 -0.93 12.29 -9.70
C LEU A 88 -0.30 13.04 -10.84
N GLY A 89 0.94 12.66 -11.15
CA GLY A 89 1.71 13.30 -12.17
C GLY A 89 2.51 14.44 -11.57
N LEU A 90 2.90 15.39 -12.41
CA LEU A 90 3.70 16.50 -11.97
C LEU A 90 2.79 17.40 -11.21
N VAL A 91 3.23 17.80 -10.03
CA VAL A 91 2.54 18.82 -9.22
C VAL A 91 3.51 19.96 -8.97
N PRO A 92 3.38 21.02 -9.73
CA PRO A 92 4.35 22.11 -9.57
C PRO A 92 4.29 22.80 -8.23
N VAL A 93 5.39 23.48 -7.90
CA VAL A 93 5.53 24.28 -6.67
C VAL A 93 4.27 25.08 -6.38
N SER A 94 3.83 25.10 -5.12
CA SER A 94 2.66 25.85 -4.68
C SER A 94 1.31 25.27 -5.13
N GLU A 95 1.28 24.18 -5.90
CA GLU A 95 0.02 23.55 -6.23
C GLU A 95 -0.22 22.35 -5.28
N ALA A 96 -1.46 21.94 -5.17
CA ALA A 96 -1.82 20.93 -4.20
C ALA A 96 -1.68 19.51 -4.73
N SER A 97 -0.99 18.65 -3.99
CA SER A 97 -0.91 17.22 -4.28
C SER A 97 -1.95 16.40 -3.51
N ILE A 98 -2.37 16.88 -2.35
CA ILE A 98 -3.38 16.17 -1.60
C ILE A 98 -4.27 17.16 -0.88
N ILE A 99 -5.59 16.90 -0.95
CA ILE A 99 -6.56 17.58 -0.13
C ILE A 99 -7.43 16.53 0.59
N ILE A 100 -7.45 16.56 1.92
CA ILE A 100 -8.32 15.73 2.74
C ILE A 100 -9.29 16.65 3.48
N ALA A 101 -10.55 16.24 3.56
CA ALA A 101 -11.58 16.99 4.25
C ALA A 101 -12.48 16.01 5.03
N VAL A 102 -12.81 16.36 6.26
CA VAL A 102 -13.71 15.57 7.09
C VAL A 102 -14.64 16.51 7.83
N SER A 103 -15.89 16.11 7.97
CA SER A 103 -16.92 16.97 8.57
C SER A 103 -17.59 16.22 9.71
N SER A 104 -18.09 16.98 10.69
CA SER A 104 -18.70 16.39 11.86
C SER A 104 -19.54 17.40 12.57
N ALA A 105 -20.32 16.89 13.51
CA ALA A 105 -21.13 17.70 14.37
C ALA A 105 -20.25 18.71 15.06
N HIS A 106 -19.20 18.18 15.66
CA HIS A 106 -18.33 18.98 16.49
C HIS A 106 -16.90 18.87 16.08
N ARG A 107 -16.11 19.87 16.44
CA ARG A 107 -14.78 20.00 15.87
C ARG A 107 -13.79 18.89 16.21
N ALA A 108 -13.81 18.40 17.44
CA ALA A 108 -12.82 17.37 17.84
C ALA A 108 -12.73 16.25 16.84
N ALA A 109 -13.89 15.69 16.47
CA ALA A 109 -13.90 14.59 15.51
C ALA A 109 -13.18 15.00 14.23
N SER A 110 -13.57 16.12 13.66
CA SER A 110 -13.02 16.43 12.35
C SER A 110 -11.52 16.74 12.44
N LEU A 111 -11.10 17.40 13.51
CA LEU A 111 -9.69 17.72 13.67
C LEU A 111 -8.84 16.46 13.82
N GLU A 112 -9.25 15.62 14.76
CA GLU A 112 -8.55 14.42 15.01
C GLU A 112 -8.58 13.52 13.79
N ALA A 113 -9.74 13.39 13.13
CA ALA A 113 -9.81 12.50 11.95
C ALA A 113 -8.84 12.92 10.87
N VAL A 114 -8.75 14.22 10.60
CA VAL A 114 -7.97 14.69 9.48
C VAL A 114 -6.52 14.42 9.75
N SER A 115 -6.06 14.68 10.97
CA SER A 115 -4.63 14.42 11.25
C SER A 115 -4.38 12.94 11.10
N TYR A 116 -5.27 12.09 11.61
CA TYR A 116 -5.03 10.68 11.57
C TYR A 116 -4.96 10.27 10.11
N ALA A 117 -5.86 10.83 9.33
CA ALA A 117 -5.96 10.51 7.90
C ALA A 117 -4.68 10.83 7.13
N ILE A 118 -4.13 12.03 7.34
CA ILE A 118 -2.94 12.43 6.61
C ILE A 118 -1.74 11.62 7.09
N ASP A 119 -1.62 11.39 8.39
CA ASP A 119 -0.45 10.63 8.86
C ASP A 119 -0.57 9.23 8.35
N THR A 120 -1.77 8.68 8.39
CA THR A 120 -1.91 7.30 8.03
C THR A 120 -1.73 7.11 6.53
N LEU A 121 -2.21 8.05 5.75
CA LEU A 121 -2.05 7.96 4.31
C LEU A 121 -0.56 7.98 3.95
N LYS A 122 0.19 8.88 4.55
CA LYS A 122 1.62 8.93 4.27
C LYS A 122 2.29 7.64 4.74
N ALA A 123 1.77 7.01 5.76
CA ALA A 123 2.41 5.78 6.23
C ALA A 123 2.05 4.57 5.39
N LYS A 124 0.82 4.46 4.93
CA LYS A 124 0.33 3.16 4.50
C LYS A 124 -0.07 3.09 3.02
N VAL A 125 -0.18 4.21 2.33
CA VAL A 125 -0.71 4.21 0.96
C VAL A 125 0.41 4.25 -0.09
N PRO A 126 0.44 3.29 -1.01
CA PRO A 126 1.50 3.16 -2.01
C PRO A 126 1.49 4.20 -3.12
N ILE A 127 2.07 5.36 -2.81
CA ILE A 127 2.28 6.43 -3.75
C ILE A 127 3.74 6.79 -3.69
N TRP A 128 4.37 6.89 -4.84
CA TRP A 128 5.80 7.12 -4.99
C TRP A 128 6.00 8.54 -5.36
N LYS A 129 6.87 9.31 -4.67
CA LYS A 129 7.15 10.68 -5.10
C LYS A 129 8.59 10.81 -5.53
N LYS A 130 8.84 11.50 -6.65
CA LYS A 130 10.18 11.75 -7.19
C LYS A 130 10.25 13.32 -7.23
N GLU A 131 11.31 13.86 -6.65
CA GLU A 131 11.60 15.30 -6.73
C GLU A 131 12.15 15.68 -8.10
N ILE A 132 11.65 16.76 -8.68
CA ILE A 132 12.17 17.29 -9.94
C ILE A 132 12.89 18.59 -9.63
N TYR A 133 14.19 18.68 -9.99
CA TYR A 133 15.04 19.85 -9.66
C TYR A 133 15.27 20.89 -10.80
N GLU A 134 16.09 21.94 -10.54
CA GLU A 134 16.51 22.97 -11.53
C GLU A 134 18.03 23.02 -11.57
N GLU B 1 4.40 6.49 58.39
CA GLU B 1 3.84 7.84 57.93
C GLU B 1 4.48 8.58 56.70
N VAL B 2 5.44 8.00 55.95
CA VAL B 2 6.18 8.71 54.82
C VAL B 2 5.37 8.92 53.51
N GLU B 3 5.71 9.94 52.71
CA GLU B 3 4.93 10.26 51.46
C GLU B 3 5.44 9.46 50.26
N GLU B 4 4.52 8.91 49.47
CA GLU B 4 4.85 8.15 48.25
C GLU B 4 4.08 8.74 47.03
N LYS B 5 4.76 9.36 46.05
CA LYS B 5 4.03 10.06 44.96
C LYS B 5 3.14 8.97 44.31
N SER B 6 1.86 9.27 44.09
CA SER B 6 0.99 8.42 43.26
C SER B 6 1.44 8.36 41.80
N LYS B 7 1.27 7.22 41.15
CA LYS B 7 1.78 6.99 39.81
C LYS B 7 0.73 6.57 38.80
N ASP B 8 0.94 7.00 37.56
CA ASP B 8 0.17 6.59 36.38
C ASP B 8 1.22 6.03 35.43
N VAL B 9 1.24 4.75 35.17
CA VAL B 9 2.25 4.21 34.30
C VAL B 9 1.58 3.78 33.04
N ILE B 10 1.90 4.44 31.94
CA ILE B 10 1.25 4.14 30.70
C ILE B 10 2.27 3.73 29.67
N ASN B 11 2.01 2.61 29.00
CA ASN B 11 2.95 2.09 28.05
C ASN B 11 2.33 1.34 26.90
N PHE B 12 2.72 1.74 25.71
CA PHE B 12 2.44 1.00 24.50
C PHE B 12 3.75 0.41 24.06
N THR B 13 3.71 -0.86 23.66
CA THR B 13 4.92 -1.62 23.42
C THR B 13 4.63 -2.78 22.49
N ALA B 14 5.65 -3.22 21.77
CA ALA B 14 5.54 -4.40 20.92
C ALA B 14 5.87 -5.66 21.68
N GLU B 15 6.46 -5.47 22.85
CA GLU B 15 6.88 -6.57 23.68
C GLU B 15 5.74 -7.33 24.36
N LYS B 16 6.02 -8.59 24.67
CA LYS B 16 5.16 -9.45 25.49
C LYS B 16 4.89 -8.74 26.82
N LEU B 17 3.63 -8.66 27.22
CA LEU B 17 3.28 -8.00 28.49
C LEU B 17 3.43 -9.01 29.60
N SER B 18 3.88 -8.59 30.78
CA SER B 18 3.97 -9.50 31.94
C SER B 18 3.01 -9.06 33.05
N VAL B 19 2.06 -9.92 33.36
CA VAL B 19 1.12 -9.63 34.43
C VAL B 19 1.90 -9.45 35.75
N ASP B 20 2.97 -10.19 35.93
CA ASP B 20 3.75 -9.95 37.13
C ASP B 20 4.36 -8.56 37.14
N GLU B 21 5.09 -8.19 36.11
CA GLU B 21 5.79 -6.91 36.14
C GLU B 21 4.80 -5.76 36.34
N VAL B 22 3.62 -5.86 35.73
CA VAL B 22 2.64 -4.78 35.87
C VAL B 22 2.09 -4.71 37.31
N SER B 23 1.71 -5.85 37.88
CA SER B 23 1.30 -5.84 39.26
C SER B 23 2.34 -5.16 40.19
N GLN B 24 3.62 -5.40 39.97
CA GLN B 24 4.67 -4.78 40.82
C GLN B 24 4.57 -3.28 40.78
N LEU B 25 4.16 -2.75 39.64
CA LEU B 25 4.21 -1.30 39.46
C LEU B 25 3.21 -0.58 40.30
N VAL B 26 2.15 -1.26 40.72
CA VAL B 26 1.12 -0.56 41.47
C VAL B 26 1.11 -0.95 42.95
N ILE B 27 2.10 -1.73 43.38
CA ILE B 27 2.17 -2.18 44.75
C ILE B 27 2.37 -0.99 45.68
N SER B 28 1.67 -0.98 46.79
CA SER B 28 1.90 0.00 47.85
C SER B 28 1.59 -0.54 49.27
N PRO B 29 2.39 -0.09 50.23
CA PRO B 29 2.15 -0.40 51.62
C PRO B 29 0.91 0.25 52.11
N LEU B 30 0.43 1.28 51.41
CA LEU B 30 -0.79 1.93 51.84
C LEU B 30 -1.97 1.21 51.26
N CYS B 31 -1.73 0.28 50.32
CA CYS B 31 -2.85 -0.38 49.65
C CYS B 31 -3.05 -1.83 50.02
N GLY B 32 -4.32 -2.13 50.23
CA GLY B 32 -4.79 -3.45 50.52
C GLY B 32 -5.39 -4.20 49.35
N ALA B 33 -5.62 -3.50 48.24
CA ALA B 33 -6.27 -4.12 47.08
C ALA B 33 -5.56 -3.73 45.80
N ILE B 34 -5.42 -4.69 44.92
CA ILE B 34 -5.00 -4.45 43.55
C ILE B 34 -5.99 -5.21 42.68
N SER B 35 -6.59 -4.54 41.71
CA SER B 35 -7.48 -5.21 40.75
C SER B 35 -6.79 -5.19 39.44
N LEU B 36 -6.95 -6.24 38.64
CA LEU B 36 -6.33 -6.27 37.33
C LEU B 36 -7.26 -6.78 36.28
N PHE B 37 -7.03 -6.32 35.06
CA PHE B 37 -7.68 -6.89 33.93
C PHE B 37 -6.64 -7.21 32.92
N VAL B 38 -6.73 -8.42 32.36
CA VAL B 38 -5.85 -8.89 31.31
C VAL B 38 -6.71 -9.22 30.12
N GLY B 39 -6.40 -8.59 28.99
CA GLY B 39 -7.05 -8.92 27.72
C GLY B 39 -6.20 -9.85 26.89
N THR B 40 -6.80 -10.96 26.45
CA THR B 40 -6.04 -11.99 25.74
C THR B 40 -6.66 -12.22 24.37
N THR B 41 -5.85 -12.68 23.43
CA THR B 41 -6.29 -13.05 22.09
C THR B 41 -7.03 -14.39 22.12
N ARG B 42 -8.29 -14.33 21.77
CA ARG B 42 -9.10 -15.53 21.73
C ARG B 42 -8.89 -16.23 20.40
N ASN B 43 -9.01 -17.56 20.39
CA ASN B 43 -8.69 -18.38 19.21
C ASN B 43 -9.77 -18.48 18.16
N ASN B 44 -10.78 -17.63 18.21
CA ASN B 44 -11.82 -17.64 17.20
C ASN B 44 -12.65 -16.36 17.15
N PHE B 45 -13.24 -16.13 15.99
CA PHE B 45 -14.10 -14.98 15.73
C PHE B 45 -15.11 -15.39 14.68
N GLU B 46 -16.38 -15.17 14.98
CA GLU B 46 -17.48 -15.53 14.08
C GLU B 46 -17.19 -16.79 13.26
N GLY B 47 -16.97 -17.93 13.91
CA GLY B 47 -16.81 -19.22 13.22
C GLY B 47 -15.39 -19.59 12.85
N LYS B 48 -14.65 -18.66 12.28
CA LYS B 48 -13.31 -18.95 11.76
C LYS B 48 -12.24 -19.00 12.90
N LYS B 49 -11.19 -19.85 12.73
CA LYS B 49 -10.05 -20.02 13.67
C LYS B 49 -9.10 -18.75 13.54
N VAL B 50 -8.80 -18.10 14.68
CA VAL B 50 -7.86 -17.01 14.73
C VAL B 50 -6.50 -17.46 15.26
N ILE B 51 -5.41 -17.05 14.63
CA ILE B 51 -4.07 -17.39 15.14
C ILE B 51 -3.44 -16.24 15.88
N SER B 52 -3.72 -15.01 15.46
CA SER B 52 -3.34 -13.86 16.28
C SER B 52 -4.21 -12.64 15.98
N LEU B 53 -4.07 -11.61 16.83
CA LEU B 53 -4.63 -10.29 16.58
C LEU B 53 -3.50 -9.31 16.42
N GLU B 54 -3.67 -8.39 15.48
CA GLU B 54 -2.72 -7.35 15.22
C GLU B 54 -3.31 -6.02 15.63
N TYR B 55 -2.55 -5.27 16.42
CA TYR B 55 -3.04 -4.03 17.00
C TYR B 55 -2.18 -2.86 16.53
N GLU B 56 -2.87 -1.78 16.16
CA GLU B 56 -2.20 -0.53 15.82
C GLU B 56 -2.83 0.61 16.55
N ALA B 57 -2.01 1.55 17.00
CA ALA B 57 -2.45 2.66 17.87
C ALA B 57 -2.00 3.93 17.22
N TYR B 58 -2.85 4.93 17.23
CA TYR B 58 -2.44 6.24 16.76
C TYR B 58 -1.75 6.93 17.91
N LEU B 59 -0.45 7.16 17.80
CA LEU B 59 0.28 7.79 18.89
C LEU B 59 0.85 9.13 18.51
N PRO B 60 0.95 10.03 19.46
CA PRO B 60 0.70 9.84 20.87
C PRO B 60 -0.75 10.01 21.29
N MET B 61 -1.65 10.22 20.35
CA MET B 61 -2.99 10.44 20.80
C MET B 61 -3.44 9.38 21.80
N ALA B 62 -3.19 8.12 21.48
CA ALA B 62 -3.67 7.07 22.34
C ALA B 62 -3.14 7.23 23.78
N GLU B 63 -1.88 7.60 23.95
CA GLU B 63 -1.37 7.88 25.30
C GLU B 63 -2.15 9.00 25.93
N ASN B 64 -2.34 10.08 25.19
CA ASN B 64 -3.04 11.21 25.77
CA ASN B 64 -3.05 11.22 25.77
C ASN B 64 -4.45 10.79 26.24
N GLU B 65 -5.13 9.91 25.50
CA GLU B 65 -6.48 9.51 25.91
C GLU B 65 -6.46 8.62 27.13
N VAL B 66 -5.44 7.78 27.27
CA VAL B 66 -5.28 6.99 28.48
C VAL B 66 -5.01 7.89 29.68
N ARG B 67 -4.25 8.96 29.49
CA ARG B 67 -4.03 9.90 30.59
C ARG B 67 -5.34 10.53 31.01
N LYS B 68 -6.23 10.80 30.04
CA LYS B 68 -7.54 11.35 30.43
C LYS B 68 -8.32 10.36 31.27
N ILE B 69 -8.24 9.10 30.89
CA ILE B 69 -8.92 8.09 31.63
C ILE B 69 -8.36 8.03 33.05
N CYS B 70 -7.05 8.08 33.17
CA CYS B 70 -6.47 8.08 34.52
C CYS B 70 -6.93 9.29 35.32
N SER B 71 -6.84 10.49 34.75
CA SER B 71 -7.31 11.65 35.47
C SER B 71 -8.77 11.39 35.92
N ASP B 72 -9.63 10.95 35.02
CA ASP B 72 -11.05 10.78 35.41
C ASP B 72 -11.23 9.79 36.54
N ILE B 73 -10.48 8.69 36.49
CA ILE B 73 -10.53 7.69 37.54
C ILE B 73 -10.20 8.35 38.85
N ARG B 74 -9.17 9.17 38.84
CA ARG B 74 -8.70 9.74 40.12
C ARG B 74 -9.66 10.76 40.65
N GLN B 75 -10.52 11.29 39.80
CA GLN B 75 -11.57 12.20 40.30
C GLN B 75 -12.75 11.48 40.88
N LYS B 76 -13.00 10.24 40.45
CA LYS B 76 -14.17 9.52 40.86
C LYS B 76 -13.91 8.52 41.95
N TRP B 77 -12.67 8.10 42.09
CA TRP B 77 -12.37 7.12 43.14
C TRP B 77 -11.05 7.37 43.78
N PRO B 78 -10.94 6.99 45.04
CA PRO B 78 -9.69 7.11 45.78
C PRO B 78 -8.72 5.95 45.50
N VAL B 79 -8.14 5.95 44.33
CA VAL B 79 -7.10 5.00 43.98
C VAL B 79 -5.71 5.60 44.22
N LYS B 80 -4.68 4.77 44.20
CA LYS B 80 -3.32 5.18 44.46
C LYS B 80 -2.46 5.06 43.21
N HIS B 81 -2.19 3.86 42.71
CA HIS B 81 -1.42 3.72 41.49
C HIS B 81 -2.23 3.13 40.37
N ILE B 82 -2.00 3.59 39.14
CA ILE B 82 -2.68 3.05 37.94
C ILE B 82 -1.64 2.70 36.91
N ALA B 83 -1.82 1.56 36.26
CA ALA B 83 -0.95 1.16 35.16
C ALA B 83 -1.79 0.61 34.03
N VAL B 84 -1.45 1.02 32.83
CA VAL B 84 -2.16 0.59 31.64
C VAL B 84 -1.13 0.30 30.58
N PHE B 85 -1.02 -0.98 30.24
CA PHE B 85 -0.07 -1.45 29.24
C PHE B 85 -0.85 -2.07 28.11
N HIS B 86 -0.53 -1.64 26.90
CA HIS B 86 -1.13 -2.20 25.69
C HIS B 86 -0.04 -2.67 24.79
N ARG B 87 -0.25 -3.85 24.23
CA ARG B 87 0.71 -4.39 23.30
C ARG B 87 0.29 -3.99 21.90
N LEU B 88 1.28 -3.74 21.04
CA LEU B 88 1.02 -3.44 19.64
C LEU B 88 1.73 -4.47 18.77
N GLY B 89 1.25 -4.60 17.55
CA GLY B 89 1.74 -5.64 16.64
C GLY B 89 0.94 -6.93 16.79
N LEU B 90 1.56 -8.05 16.39
CA LEU B 90 0.89 -9.36 16.48
C LEU B 90 0.85 -9.82 17.93
N VAL B 91 -0.33 -10.20 18.39
CA VAL B 91 -0.51 -10.78 19.71
C VAL B 91 -1.11 -12.16 19.53
N PRO B 92 -0.28 -13.19 19.59
CA PRO B 92 -0.82 -14.52 19.39
C PRO B 92 -1.84 -14.95 20.42
N VAL B 93 -2.64 -15.96 20.04
CA VAL B 93 -3.63 -16.58 20.91
C VAL B 93 -3.08 -16.79 22.31
N SER B 94 -3.89 -16.50 23.34
CA SER B 94 -3.52 -16.73 24.74
C SER B 94 -2.43 -15.80 25.28
N GLU B 95 -1.90 -14.88 24.48
CA GLU B 95 -0.99 -13.87 25.00
C GLU B 95 -1.78 -12.58 25.26
N ALA B 96 -1.23 -11.71 26.07
CA ALA B 96 -2.00 -10.57 26.51
C ALA B 96 -1.78 -9.38 25.60
N SER B 97 -2.88 -8.75 25.19
CA SER B 97 -2.85 -7.49 24.46
C SER B 97 -3.00 -6.26 25.38
N ILE B 98 -3.67 -6.42 26.51
CA ILE B 98 -3.80 -5.32 27.45
C ILE B 98 -3.77 -5.83 28.88
N ILE B 99 -3.05 -5.12 29.73
CA ILE B 99 -3.07 -5.34 31.17
C ILE B 99 -3.28 -4.01 31.87
N ILE B 100 -4.35 -3.91 32.65
CA ILE B 100 -4.64 -2.72 33.46
C ILE B 100 -4.59 -3.14 34.91
N ALA B 101 -4.04 -2.27 35.74
CA ALA B 101 -3.95 -2.53 37.14
C ALA B 101 -4.15 -1.25 37.90
N VAL B 102 -4.90 -1.33 39.01
CA VAL B 102 -5.16 -0.22 39.90
C VAL B 102 -5.11 -0.70 41.32
N SER B 103 -4.56 0.12 42.19
CA SER B 103 -4.39 -0.22 43.58
C SER B 103 -5.07 0.83 44.50
N SER B 104 -5.50 0.40 45.68
CA SER B 104 -6.17 1.27 46.60
C SER B 104 -6.21 0.67 47.98
N ALA B 105 -6.62 1.51 48.92
CA ALA B 105 -6.71 1.13 50.30
C ALA B 105 -7.64 -0.03 50.41
N HIS B 106 -8.80 0.15 49.78
CA HIS B 106 -9.86 -0.80 49.88
C HIS B 106 -10.38 -1.20 48.54
N ARG B 107 -10.96 -2.38 48.48
CA ARG B 107 -11.17 -3.00 47.19
C ARG B 107 -12.15 -2.30 46.27
N ALA B 108 -13.21 -1.77 46.84
CA ALA B 108 -14.22 -1.12 46.01
C ALA B 108 -13.64 -0.17 44.95
N ALA B 109 -12.76 0.74 45.38
CA ALA B 109 -12.19 1.74 44.47
C ALA B 109 -11.46 1.00 43.34
N SER B 110 -10.62 0.03 43.68
CA SER B 110 -9.83 -0.61 42.66
C SER B 110 -10.76 -1.41 41.71
N LEU B 111 -11.75 -2.08 42.25
CA LEU B 111 -12.62 -2.89 41.41
C LEU B 111 -13.39 -2.01 40.41
N GLU B 112 -14.03 -0.97 40.95
CA GLU B 112 -14.80 -0.08 40.12
C GLU B 112 -13.86 0.64 39.12
N ALA B 113 -12.69 1.06 39.56
CA ALA B 113 -11.76 1.75 38.64
C ALA B 113 -11.38 0.89 37.43
N VAL B 114 -11.09 -0.37 37.67
CA VAL B 114 -10.60 -1.23 36.59
C VAL B 114 -11.69 -1.46 35.57
N SER B 115 -12.89 -1.72 36.04
CA SER B 115 -14.01 -1.89 35.13
C SER B 115 -14.22 -0.67 34.27
N TYR B 116 -14.17 0.50 34.90
CA TYR B 116 -14.36 1.72 34.14
C TYR B 116 -13.24 1.87 33.13
N ALA B 117 -12.04 1.52 33.56
CA ALA B 117 -10.87 1.74 32.71
C ALA B 117 -10.95 0.95 31.44
N ILE B 118 -11.31 -0.33 31.57
CA ILE B 118 -11.27 -1.19 30.41
C ILE B 118 -12.41 -0.78 29.48
N ASP B 119 -13.60 -0.49 30.02
CA ASP B 119 -14.72 -0.11 29.13
C ASP B 119 -14.34 1.17 28.42
N THR B 120 -13.76 2.10 29.17
CA THR B 120 -13.53 3.40 28.61
C THR B 120 -12.42 3.33 27.55
N LEU B 121 -11.43 2.50 27.81
CA LEU B 121 -10.33 2.40 26.89
C LEU B 121 -10.84 1.84 25.58
N LYS B 122 -11.63 0.79 25.66
CA LYS B 122 -12.19 0.21 24.43
C LYS B 122 -13.10 1.19 23.71
N ALA B 123 -13.76 2.08 24.43
CA ALA B 123 -14.64 3.04 23.74
C ALA B 123 -13.89 4.22 23.11
N LYS B 124 -12.89 4.77 23.79
CA LYS B 124 -12.43 6.13 23.49
C LYS B 124 -10.96 6.24 22.99
N VAL B 125 -10.17 5.18 23.07
CA VAL B 125 -8.77 5.27 22.63
C VAL B 125 -8.60 4.81 21.19
N PRO B 126 -7.92 5.59 20.35
CA PRO B 126 -7.68 5.21 18.95
C PRO B 126 -6.66 4.07 18.75
N ILE B 127 -7.12 2.85 19.01
CA ILE B 127 -6.38 1.60 18.78
C ILE B 127 -7.23 0.67 17.92
N TRP B 128 -6.64 -0.01 16.94
CA TRP B 128 -7.42 -0.86 16.09
C TRP B 128 -6.87 -2.25 16.02
N LYS B 129 -7.76 -3.18 15.65
CA LYS B 129 -7.36 -4.60 15.60
C LYS B 129 -7.79 -5.30 14.34
N LYS B 130 -6.88 -6.10 13.79
CA LYS B 130 -7.12 -6.89 12.60
C LYS B 130 -6.95 -8.36 13.06
N GLU B 131 -7.93 -9.21 12.75
CA GLU B 131 -7.84 -10.66 12.98
C GLU B 131 -6.91 -11.32 11.94
N ILE B 132 -6.01 -12.18 12.41
CA ILE B 132 -5.16 -12.97 11.52
C ILE B 132 -5.68 -14.39 11.60
N TYR B 133 -6.07 -14.98 10.43
CA TYR B 133 -6.63 -16.35 10.38
C TYR B 133 -5.63 -17.44 9.92
N GLU B 134 -6.11 -18.68 9.77
CA GLU B 134 -5.18 -19.74 9.30
C GLU B 134 -4.48 -19.42 7.96
N GLU C 1 -16.95 18.89 -45.25
CA GLU C 1 -15.67 19.70 -45.15
C GLU C 1 -15.26 20.25 -43.71
N VAL C 2 -16.14 20.20 -42.67
CA VAL C 2 -15.81 20.72 -41.28
C VAL C 2 -14.78 19.84 -40.53
N GLU C 3 -13.87 20.44 -39.76
CA GLU C 3 -12.75 19.67 -39.15
C GLU C 3 -13.02 19.15 -37.74
N GLU C 4 -12.47 17.97 -37.43
CA GLU C 4 -12.72 17.26 -36.15
C GLU C 4 -11.40 16.80 -35.46
N LYS C 5 -11.05 17.32 -34.28
CA LYS C 5 -9.75 16.98 -33.67
C LYS C 5 -9.75 15.45 -33.50
N SER C 6 -8.67 14.81 -33.93
CA SER C 6 -8.43 13.37 -33.67
C SER C 6 -8.22 13.07 -32.18
N LYS C 7 -8.74 11.94 -31.70
CA LYS C 7 -8.75 11.66 -30.26
C LYS C 7 -7.99 10.39 -29.90
N ASP C 8 -7.36 10.43 -28.73
CA ASP C 8 -6.74 9.30 -28.08
C ASP C 8 -7.44 9.23 -26.72
N VAL C 9 -8.30 8.24 -26.50
CA VAL C 9 -9.00 8.16 -25.24
C VAL C 9 -8.43 7.01 -24.46
N ILE C 10 -7.78 7.33 -23.35
CA ILE C 10 -7.11 6.33 -22.56
C ILE C 10 -7.68 6.33 -21.15
N ASN C 11 -8.08 5.16 -20.69
CA ASN C 11 -8.72 5.05 -19.39
C ASN C 11 -8.42 3.75 -18.65
N PHE C 12 -7.95 3.93 -17.43
CA PHE C 12 -7.79 2.84 -16.50
C PHE C 12 -8.88 3.04 -15.46
N THR C 13 -9.53 1.95 -15.09
CA THR C 13 -10.74 2.01 -14.29
C THR C 13 -10.98 0.67 -13.62
N ALA C 14 -11.65 0.71 -12.48
CA ALA C 14 -11.99 -0.53 -11.75
C ALA C 14 -13.38 -1.01 -12.20
N GLU C 15 -14.06 -0.19 -12.99
CA GLU C 15 -15.38 -0.51 -13.50
C GLU C 15 -15.38 -1.48 -14.66
N LYS C 16 -16.52 -2.18 -14.80
CA LYS C 16 -16.81 -3.08 -15.90
C LYS C 16 -16.68 -2.28 -17.20
N LEU C 17 -15.93 -2.82 -18.16
CA LEU C 17 -15.72 -2.14 -19.45
C LEU C 17 -16.87 -2.47 -20.37
N SER C 18 -17.33 -1.52 -21.17
CA SER C 18 -18.39 -1.75 -22.13
C SER C 18 -17.91 -1.62 -23.57
N VAL C 19 -18.01 -2.71 -24.31
CA VAL C 19 -17.58 -2.67 -25.68
C VAL C 19 -18.45 -1.67 -26.44
N ASP C 20 -19.71 -1.55 -26.07
CA ASP C 20 -20.51 -0.54 -26.73
C ASP C 20 -19.99 0.87 -26.45
N GLU C 21 -19.83 1.25 -25.19
CA GLU C 21 -19.38 2.62 -24.91
C GLU C 21 -18.06 2.94 -25.60
N VAL C 22 -17.13 1.99 -25.64
CA VAL C 22 -15.81 2.25 -26.23
C VAL C 22 -15.94 2.44 -27.76
N SER C 23 -16.65 1.56 -28.43
CA SER C 23 -16.89 1.77 -29.86
C SER C 23 -17.45 3.19 -30.15
N GLN C 24 -18.37 3.70 -29.32
CA GLN C 24 -18.95 5.05 -29.54
C GLN C 24 -17.87 6.10 -29.56
N LEU C 25 -16.84 5.91 -28.74
CA LEU C 25 -15.85 6.94 -28.60
C LEU C 25 -15.01 7.18 -29.85
N VAL C 26 -14.94 6.20 -30.75
CA VAL C 26 -14.05 6.33 -31.93
C VAL C 26 -14.85 6.49 -33.21
N ILE C 27 -16.16 6.62 -33.07
CA ILE C 27 -17.04 6.77 -34.22
C ILE C 27 -16.70 8.06 -34.97
N SER C 28 -16.66 8.00 -36.30
CA SER C 28 -16.52 9.21 -37.11
C SER C 28 -17.21 9.11 -38.49
N PRO C 29 -17.77 10.25 -38.93
CA PRO C 29 -18.33 10.35 -40.26
C PRO C 29 -17.26 10.30 -41.31
N LEU C 30 -16.01 10.54 -40.95
CA LEU C 30 -14.91 10.43 -41.91
C LEU C 30 -14.38 8.99 -41.97
N CYS C 31 -14.83 8.12 -41.06
CA CYS C 31 -14.33 6.76 -41.02
C CYS C 31 -15.32 5.73 -41.49
N GLY C 32 -14.79 4.80 -42.26
CA GLY C 32 -15.54 3.63 -42.74
C GLY C 32 -15.27 2.34 -41.97
N ALA C 33 -14.22 2.33 -41.15
CA ALA C 33 -13.76 1.11 -40.50
C ALA C 33 -13.49 1.37 -39.02
N ILE C 34 -13.95 0.46 -38.18
CA ILE C 34 -13.58 0.43 -36.79
C ILE C 34 -13.17 -1.00 -36.46
N SER C 35 -11.97 -1.18 -35.94
CA SER C 35 -11.54 -2.49 -35.51
C SER C 35 -11.47 -2.48 -33.97
N LEU C 36 -11.82 -3.60 -33.33
CA LEU C 36 -11.73 -3.67 -31.90
C LEU C 36 -11.07 -4.94 -31.46
N PHE C 37 -10.44 -4.84 -30.29
CA PHE C 37 -9.99 -6.02 -29.60
C PHE C 37 -10.52 -5.99 -28.20
N VAL C 38 -11.03 -7.12 -27.75
CA VAL C 38 -11.54 -7.25 -26.40
C VAL C 38 -10.81 -8.42 -25.74
N GLY C 39 -10.15 -8.13 -24.62
CA GLY C 39 -9.46 -9.12 -23.81
C GLY C 39 -10.33 -9.57 -22.65
N THR C 40 -10.55 -10.87 -22.54
CA THR C 40 -11.43 -11.43 -21.52
C THR C 40 -10.66 -12.40 -20.63
N THR C 41 -11.11 -12.56 -19.39
CA THR C 41 -10.54 -13.50 -18.45
C THR C 41 -10.98 -14.91 -18.83
N ARG C 42 -10.00 -15.73 -19.16
CA ARG C 42 -10.30 -17.10 -19.50
C ARG C 42 -10.39 -17.90 -18.23
N ASN C 43 -11.19 -18.95 -18.24
CA ASN C 43 -11.46 -19.76 -17.05
C ASN C 43 -10.43 -20.81 -16.70
N ASN C 44 -9.24 -20.71 -17.29
CA ASN C 44 -8.18 -21.65 -16.94
C ASN C 44 -6.80 -21.17 -17.33
N PHE C 45 -5.81 -21.69 -16.61
CA PHE C 45 -4.42 -21.41 -16.88
C PHE C 45 -3.64 -22.66 -16.49
N GLU C 46 -2.81 -23.14 -17.41
CA GLU C 46 -2.00 -24.33 -17.17
C GLU C 46 -2.71 -25.36 -16.27
N GLY C 47 -3.85 -25.87 -16.72
CA GLY C 47 -4.54 -26.95 -16.02
C GLY C 47 -5.54 -26.51 -14.98
N LYS C 48 -5.15 -25.58 -14.11
CA LYS C 48 -5.97 -25.25 -12.94
C LYS C 48 -7.08 -24.22 -13.40
N LYS C 49 -8.21 -24.27 -12.69
CA LYS C 49 -9.38 -23.40 -12.90
C LYS C 49 -9.14 -21.98 -12.38
N VAL C 50 -9.39 -21.01 -13.23
CA VAL C 50 -9.28 -19.61 -12.82
C VAL C 50 -10.64 -18.99 -12.58
N ILE C 51 -10.78 -18.25 -11.46
CA ILE C 51 -12.07 -17.60 -11.15
C ILE C 51 -11.99 -16.17 -11.53
N SER C 52 -10.82 -15.55 -11.37
CA SER C 52 -10.61 -14.20 -11.92
C SER C 52 -9.12 -13.87 -12.13
N LEU C 53 -8.86 -12.78 -12.85
CA LEU C 53 -7.55 -12.19 -12.95
C LEU C 53 -7.57 -10.79 -12.33
N GLU C 54 -6.48 -10.48 -11.61
CA GLU C 54 -6.37 -9.23 -10.87
C GLU C 54 -5.24 -8.43 -11.45
N TYR C 55 -5.56 -7.19 -11.80
CA TYR C 55 -4.67 -6.35 -12.58
C TYR C 55 -4.29 -5.12 -11.79
N GLU C 56 -3.01 -4.79 -11.80
CA GLU C 56 -2.51 -3.67 -10.99
C GLU C 56 -1.46 -2.88 -11.73
N ALA C 57 -1.39 -1.58 -11.47
CA ALA C 57 -0.55 -0.70 -12.28
C ALA C 57 -0.23 0.60 -11.57
N TYR C 58 0.89 1.22 -11.89
CA TYR C 58 1.13 2.57 -11.44
C TYR C 58 0.51 3.53 -12.44
N LEU C 59 -0.20 4.51 -11.92
CA LEU C 59 -0.62 5.60 -12.74
C LEU C 59 -0.01 6.90 -12.24
N PRO C 60 0.32 7.78 -13.17
CA PRO C 60 -0.03 7.73 -14.57
C PRO C 60 0.94 6.99 -15.44
N MET C 61 1.98 6.37 -14.89
CA MET C 61 2.92 5.70 -15.77
C MET C 61 2.27 4.84 -16.88
N ALA C 62 1.36 3.95 -16.51
CA ALA C 62 0.77 3.11 -17.53
C ALA C 62 0.04 3.93 -18.60
N GLU C 63 -0.64 5.02 -18.24
CA GLU C 63 -1.20 5.89 -19.28
C GLU C 63 -0.12 6.42 -20.20
N ASN C 64 0.94 6.94 -19.61
CA ASN C 64 1.99 7.52 -20.42
C ASN C 64 2.54 6.54 -21.44
N GLU C 65 2.66 5.26 -21.09
CA GLU C 65 3.15 4.27 -22.04
C GLU C 65 2.13 3.96 -23.15
N VAL C 66 0.84 3.97 -22.82
CA VAL C 66 -0.21 3.81 -23.84
C VAL C 66 -0.24 5.01 -24.78
N ARG C 67 0.02 6.22 -24.28
CA ARG C 67 0.13 7.37 -25.17
C ARG C 67 1.27 7.18 -26.15
N LYS C 68 2.38 6.58 -25.71
CA LYS C 68 3.51 6.39 -26.65
C LYS C 68 3.10 5.43 -27.74
N ILE C 69 2.35 4.41 -27.37
CA ILE C 69 1.84 3.49 -28.36
C ILE C 69 0.91 4.20 -29.36
N CYS C 70 0.03 5.04 -28.85
CA CYS C 70 -0.82 5.81 -29.75
C CYS C 70 0.02 6.66 -30.68
N SER C 71 0.96 7.42 -30.16
CA SER C 71 1.76 8.26 -31.03
C SER C 71 2.37 7.37 -32.12
N ASP C 72 2.95 6.23 -31.75
CA ASP C 72 3.59 5.38 -32.75
C ASP C 72 2.60 4.90 -33.84
N ILE C 73 1.42 4.50 -33.40
CA ILE C 73 0.40 4.08 -34.32
C ILE C 73 0.14 5.19 -35.33
N ARG C 74 -0.02 6.40 -34.83
CA ARG C 74 -0.38 7.50 -35.71
C ARG C 74 0.76 7.83 -36.69
N GLN C 75 1.98 7.42 -36.38
CA GLN C 75 3.06 7.61 -37.35
C GLN C 75 3.09 6.57 -38.44
N LYS C 76 2.57 5.38 -38.17
CA LYS C 76 2.64 4.30 -39.15
C LYS C 76 1.34 4.08 -39.90
N TRP C 77 0.24 4.61 -39.41
CA TRP C 77 -1.01 4.43 -40.12
C TRP C 77 -1.89 5.63 -40.01
N PRO C 78 -2.74 5.84 -41.01
CA PRO C 78 -3.67 6.97 -41.05
C PRO C 78 -4.96 6.67 -40.32
N VAL C 79 -4.84 6.54 -39.02
CA VAL C 79 -5.99 6.27 -38.19
C VAL C 79 -6.55 7.61 -37.74
N LYS C 80 -7.78 7.61 -37.23
CA LYS C 80 -8.47 8.82 -36.81
C LYS C 80 -8.61 8.86 -35.29
N HIS C 81 -9.41 7.98 -34.71
CA HIS C 81 -9.55 7.93 -33.26
C HIS C 81 -9.01 6.63 -32.70
N ILE C 82 -8.36 6.71 -31.54
CA ILE C 82 -7.93 5.54 -30.81
C ILE C 82 -8.49 5.56 -29.42
N ALA C 83 -8.90 4.40 -28.91
CA ALA C 83 -9.34 4.27 -27.52
C ALA C 83 -8.74 3.01 -26.93
N VAL C 84 -8.25 3.13 -25.71
CA VAL C 84 -7.67 2.02 -24.99
C VAL C 84 -8.18 2.12 -23.57
N PHE C 85 -8.95 1.12 -23.18
CA PHE C 85 -9.50 1.01 -21.81
C PHE C 85 -8.98 -0.27 -21.20
N HIS C 86 -8.46 -0.13 -20.00
CA HIS C 86 -7.99 -1.25 -19.24
C HIS C 86 -8.66 -1.26 -17.91
N ARG C 87 -9.05 -2.42 -17.48
CA ARG C 87 -9.69 -2.55 -16.19
C ARG C 87 -8.64 -2.89 -15.20
N LEU C 88 -8.81 -2.41 -13.96
CA LEU C 88 -7.94 -2.78 -12.86
C LEU C 88 -8.74 -3.42 -11.75
N GLY C 89 -8.04 -4.17 -10.92
CA GLY C 89 -8.70 -4.95 -9.88
C GLY C 89 -9.08 -6.34 -10.38
N LEU C 90 -10.03 -6.98 -9.70
CA LEU C 90 -10.49 -8.27 -10.10
C LEU C 90 -11.34 -8.18 -11.38
N VAL C 91 -11.00 -9.02 -12.38
CA VAL C 91 -11.78 -9.17 -13.59
C VAL C 91 -12.22 -10.61 -13.69
N PRO C 92 -13.47 -10.89 -13.35
CA PRO C 92 -13.93 -12.27 -13.35
C PRO C 92 -14.02 -12.88 -14.73
N VAL C 93 -14.05 -14.22 -14.75
CA VAL C 93 -14.16 -15.00 -15.97
C VAL C 93 -15.19 -14.40 -16.90
N SER C 94 -14.90 -14.32 -18.19
CA SER C 94 -15.83 -13.83 -19.20
C SER C 94 -16.12 -12.32 -19.15
N GLU C 95 -15.48 -11.60 -18.25
CA GLU C 95 -15.56 -10.15 -18.30
C GLU C 95 -14.28 -9.55 -18.94
N ALA C 96 -14.37 -8.33 -19.40
CA ALA C 96 -13.29 -7.77 -20.21
C ALA C 96 -12.28 -7.03 -19.34
N SER C 97 -11.00 -7.35 -19.53
CA SER C 97 -9.90 -6.62 -18.90
C SER C 97 -9.34 -5.53 -19.80
N ILE C 98 -9.48 -5.67 -21.11
CA ILE C 98 -8.97 -4.63 -22.03
C ILE C 98 -9.84 -4.53 -23.30
N ILE C 99 -10.15 -3.29 -23.68
CA ILE C 99 -10.83 -3.01 -24.93
C ILE C 99 -10.04 -1.96 -25.65
N ILE C 100 -9.59 -2.27 -26.85
CA ILE C 100 -8.94 -1.31 -27.75
C ILE C 100 -9.83 -1.12 -28.97
N ALA C 101 -9.98 0.13 -29.41
CA ALA C 101 -10.74 0.45 -30.62
C ALA C 101 -9.99 1.50 -31.42
N VAL C 102 -9.90 1.31 -32.73
CA VAL C 102 -9.28 2.25 -33.64
C VAL C 102 -10.18 2.41 -34.82
N SER C 103 -10.28 3.64 -35.34
CA SER C 103 -11.12 3.95 -36.50
C SER C 103 -10.30 4.60 -37.62
N SER C 104 -10.73 4.39 -38.86
CA SER C 104 -10.03 4.93 -40.00
C SER C 104 -10.91 4.97 -41.21
N ALA C 105 -10.40 5.65 -42.21
CA ALA C 105 -11.06 5.79 -43.49
C ALA C 105 -11.29 4.42 -44.06
N HIS C 106 -10.21 3.63 -44.07
CA HIS C 106 -10.27 2.29 -44.63
C HIS C 106 -9.80 1.23 -43.71
N ARG C 107 -10.23 0.01 -43.96
CA ARG C 107 -10.05 -1.00 -42.97
C ARG C 107 -8.60 -1.40 -42.65
N ALA C 108 -7.75 -1.45 -43.66
CA ALA C 108 -6.34 -1.84 -43.44
C ALA C 108 -5.73 -1.16 -42.25
N ALA C 109 -5.85 0.17 -42.22
CA ALA C 109 -5.25 0.93 -41.11
C ALA C 109 -5.79 0.41 -39.76
N SER C 110 -7.09 0.32 -39.63
CA SER C 110 -7.65 0.03 -38.34
C SER C 110 -7.26 -1.40 -37.97
N LEU C 111 -7.28 -2.31 -38.93
CA LEU C 111 -6.96 -3.69 -38.60
C LEU C 111 -5.50 -3.81 -38.14
N GLU C 112 -4.60 -3.28 -38.95
CA GLU C 112 -3.20 -3.36 -38.62
C GLU C 112 -2.92 -2.61 -37.31
N ALA C 113 -3.52 -1.44 -37.12
CA ALA C 113 -3.28 -0.70 -35.89
C ALA C 113 -3.68 -1.49 -34.64
N VAL C 114 -4.84 -2.13 -34.66
CA VAL C 114 -5.34 -2.80 -33.48
C VAL C 114 -4.44 -3.96 -33.11
N SER C 115 -4.04 -4.73 -34.10
CA SER C 115 -3.09 -5.82 -33.86
C SER C 115 -1.78 -5.34 -33.26
N TYR C 116 -1.24 -4.26 -33.80
CA TYR C 116 0.00 -3.71 -33.29
C TYR C 116 -0.24 -3.22 -31.88
N ALA C 117 -1.38 -2.57 -31.66
CA ALA C 117 -1.70 -2.00 -30.36
C ALA C 117 -1.71 -3.05 -29.27
N ILE C 118 -2.43 -4.15 -29.51
CA ILE C 118 -2.59 -5.13 -28.47
C ILE C 118 -1.27 -5.84 -28.24
N ASP C 119 -0.50 -6.15 -29.29
CA ASP C 119 0.79 -6.85 -29.07
C ASP C 119 1.70 -5.91 -28.32
N THR C 120 1.71 -4.66 -28.72
CA THR C 120 2.66 -3.74 -28.14
C THR C 120 2.30 -3.41 -26.71
N LEU C 121 1.02 -3.30 -26.43
CA LEU C 121 0.59 -3.01 -25.09
C LEU C 121 0.97 -4.15 -24.15
N LYS C 122 0.73 -5.38 -24.58
CA LYS C 122 1.11 -6.52 -23.77
C LYS C 122 2.64 -6.53 -23.57
N ALA C 123 3.42 -6.07 -24.53
CA ALA C 123 4.88 -6.15 -24.37
C ALA C 123 5.43 -5.03 -23.56
N LYS C 124 4.89 -3.83 -23.66
CA LYS C 124 5.60 -2.64 -23.17
C LYS C 124 4.89 -1.92 -21.99
N VAL C 125 3.64 -2.23 -21.67
CA VAL C 125 2.94 -1.45 -20.63
C VAL C 125 3.05 -2.12 -19.28
N PRO C 126 3.50 -1.39 -18.26
CA PRO C 126 3.67 -1.89 -16.90
C PRO C 126 2.39 -2.09 -16.07
N ILE C 127 1.75 -3.23 -16.33
CA ILE C 127 0.58 -3.71 -15.59
C ILE C 127 0.86 -5.11 -15.08
N TRP C 128 0.57 -5.40 -13.81
CA TRP C 128 0.77 -6.75 -13.24
C TRP C 128 -0.53 -7.55 -13.30
N LYS C 129 -0.45 -8.87 -13.60
CA LYS C 129 -1.63 -9.73 -13.44
C LYS C 129 -1.33 -10.91 -12.54
N LYS C 130 -2.26 -11.21 -11.65
CA LYS C 130 -2.17 -12.31 -10.67
C LYS C 130 -3.42 -13.17 -10.98
N GLU C 131 -3.21 -14.45 -11.21
CA GLU C 131 -4.31 -15.40 -11.37
C GLU C 131 -4.93 -15.71 -10.03
N ILE C 132 -6.26 -15.72 -9.95
CA ILE C 132 -6.99 -16.11 -8.74
C ILE C 132 -7.66 -17.45 -9.06
N TYR C 133 -7.36 -18.49 -8.24
CA TYR C 133 -7.85 -19.84 -8.47
C TYR C 133 -9.01 -20.29 -7.54
N GLU C 134 -9.33 -21.60 -7.59
CA GLU C 134 -10.06 -22.27 -6.51
C GLU C 134 -9.16 -23.23 -5.76
N GLU D 3 21.40 -25.29 16.52
CA GLU D 3 20.22 -24.49 16.06
C GLU D 3 20.54 -23.10 15.41
N GLU D 4 20.13 -22.89 14.13
CA GLU D 4 20.48 -21.67 13.35
C GLU D 4 19.24 -21.05 12.68
N LYS D 5 18.79 -19.85 13.09
CA LYS D 5 17.53 -19.29 12.49
C LYS D 5 17.81 -19.10 10.98
N SER D 6 16.86 -19.53 10.16
CA SER D 6 16.89 -19.25 8.72
C SER D 6 16.78 -17.75 8.39
N LYS D 7 17.43 -17.30 7.32
CA LYS D 7 17.51 -15.89 6.97
C LYS D 7 17.02 -15.53 5.58
N ASP D 8 16.41 -14.35 5.48
CA ASP D 8 16.03 -13.71 4.24
C ASP D 8 16.77 -12.39 4.28
N VAL D 9 17.75 -12.18 3.43
CA VAL D 9 18.46 -10.93 3.43
C VAL D 9 18.09 -10.19 2.20
N ILE D 10 17.41 -9.06 2.37
CA ILE D 10 16.96 -8.29 1.23
C ILE D 10 17.50 -6.88 1.25
N ASN D 11 18.05 -6.44 0.13
CA ASN D 11 18.70 -5.16 0.09
C ASN D 11 18.69 -4.47 -1.26
N PHE D 12 18.21 -3.24 -1.23
CA PHE D 12 18.29 -2.34 -2.34
C PHE D 12 19.30 -1.30 -1.95
N THR D 13 20.20 -0.99 -2.88
CA THR D 13 21.42 -0.26 -2.57
C THR D 13 21.98 0.35 -3.83
N ALA D 14 22.67 1.47 -3.65
CA ALA D 14 23.32 2.16 -4.75
C ALA D 14 24.73 1.61 -4.95
N GLU D 15 25.20 0.84 -3.96
CA GLU D 15 26.57 0.33 -3.97
C GLU D 15 26.80 -0.82 -4.93
N LYS D 16 28.05 -0.96 -5.36
CA LYS D 16 28.55 -2.08 -6.14
C LYS D 16 28.23 -3.38 -5.38
N LEU D 17 27.58 -4.33 -6.05
CA LEU D 17 27.23 -5.62 -5.44
C LEU D 17 28.41 -6.57 -5.57
N SER D 18 28.70 -7.37 -4.56
CA SER D 18 29.82 -8.32 -4.60
C SER D 18 29.30 -9.74 -4.52
N VAL D 19 29.59 -10.51 -5.56
CA VAL D 19 29.12 -11.90 -5.57
C VAL D 19 29.75 -12.62 -4.38
N ASP D 20 30.96 -12.27 -4.02
CA ASP D 20 31.51 -12.92 -2.87
C ASP D 20 30.70 -12.59 -1.61
N GLU D 21 30.50 -11.30 -1.30
CA GLU D 21 29.83 -10.97 -0.03
C GLU D 21 28.46 -11.61 0.05
N VAL D 22 27.74 -11.68 -1.08
CA VAL D 22 26.41 -12.26 -1.06
C VAL D 22 26.44 -13.77 -0.81
N SER D 23 27.30 -14.49 -1.52
CA SER D 23 27.44 -15.93 -1.22
C SER D 23 27.71 -16.18 0.28
N GLN D 24 28.53 -15.35 0.94
CA GLN D 24 28.82 -15.52 2.37
C GLN D 24 27.55 -15.47 3.19
N LEU D 25 26.59 -14.66 2.77
CA LEU D 25 25.39 -14.49 3.56
C LEU D 25 24.52 -15.72 3.68
N VAL D 26 24.62 -16.66 2.74
CA VAL D 26 23.71 -17.81 2.75
C VAL D 26 24.43 -19.09 3.08
N ILE D 27 25.69 -18.97 3.47
CA ILE D 27 26.51 -20.14 3.83
C ILE D 27 25.92 -20.84 5.04
N SER D 28 25.85 -22.16 5.01
CA SER D 28 25.46 -22.93 6.20
C SER D 28 26.09 -24.33 6.24
N PRO D 29 26.39 -24.77 7.46
CA PRO D 29 26.90 -26.11 7.66
C PRO D 29 25.84 -27.13 7.43
N LEU D 30 24.57 -26.72 7.43
CA LEU D 30 23.48 -27.64 7.16
C LEU D 30 23.18 -27.70 5.70
N CYS D 31 23.82 -26.86 4.90
CA CYS D 31 23.62 -26.89 3.47
C CYS D 31 24.80 -27.43 2.67
N GLY D 32 24.43 -28.19 1.65
CA GLY D 32 25.35 -28.72 0.66
C GLY D 32 25.30 -28.04 -0.71
N ALA D 33 24.32 -27.13 -0.90
CA ALA D 33 24.16 -26.45 -2.21
C ALA D 33 23.89 -24.99 -2.03
N ILE D 34 24.50 -24.20 -2.87
CA ILE D 34 24.16 -22.81 -3.00
C ILE D 34 24.04 -22.53 -4.47
N SER D 35 22.93 -21.95 -4.87
CA SER D 35 22.78 -21.55 -6.27
C SER D 35 22.78 -20.05 -6.29
N LEU D 36 23.35 -19.46 -7.34
CA LEU D 36 23.33 -18.01 -7.46
C LEU D 36 22.95 -17.56 -8.85
N PHE D 37 22.39 -16.37 -8.90
CA PHE D 37 22.23 -15.70 -10.16
C PHE D 37 22.74 -14.30 -10.04
N VAL D 38 23.47 -13.88 -11.06
CA VAL D 38 23.99 -12.54 -11.15
C VAL D 38 23.49 -11.92 -12.45
N GLY D 39 22.85 -10.77 -12.33
CA GLY D 39 22.43 -9.99 -13.48
C GLY D 39 23.43 -8.89 -13.76
N THR D 40 23.90 -8.80 -15.00
CA THR D 40 24.92 -7.82 -15.36
C THR D 40 24.41 -6.94 -16.47
N THR D 41 24.94 -5.72 -16.56
CA THR D 41 24.60 -4.79 -17.63
C THR D 41 25.32 -5.24 -18.92
N ARG D 42 24.53 -5.59 -19.91
CA ARG D 42 25.11 -5.97 -21.19
C ARG D 42 25.43 -4.70 -21.99
N ASN D 43 26.45 -4.79 -22.84
CA ASN D 43 26.95 -3.64 -23.59
C ASN D 43 26.20 -3.29 -24.88
N ASN D 44 24.99 -3.81 -25.03
CA ASN D 44 24.17 -3.46 -26.18
C ASN D 44 22.69 -3.77 -26.00
N PHE D 45 21.88 -3.03 -26.76
CA PHE D 45 20.43 -3.22 -26.77
C PHE D 45 19.94 -2.85 -28.15
N GLU D 46 19.19 -3.76 -28.75
CA GLU D 46 18.65 -3.57 -30.10
C GLU D 46 19.59 -2.72 -30.98
N GLY D 47 20.80 -3.21 -31.23
CA GLY D 47 21.72 -2.55 -32.17
C GLY D 47 22.66 -1.54 -31.56
N LYS D 48 22.13 -0.64 -30.74
CA LYS D 48 22.93 0.49 -30.22
C LYS D 48 23.85 0.01 -29.05
N LYS D 49 25.02 0.64 -28.88
CA LYS D 49 25.99 0.44 -27.77
C LYS D 49 25.47 1.03 -26.45
N VAL D 50 25.46 0.22 -25.40
CA VAL D 50 25.03 0.68 -24.07
C VAL D 50 26.22 0.88 -23.16
N ILE D 51 26.26 2.00 -22.44
CA ILE D 51 27.37 2.24 -21.51
C ILE D 51 26.96 1.94 -20.09
N SER D 52 25.70 2.19 -19.75
CA SER D 52 25.18 1.70 -18.47
C SER D 52 23.68 1.55 -18.50
N LEU D 53 23.16 0.92 -17.44
CA LEU D 53 21.73 0.91 -17.17
C LEU D 53 21.48 1.64 -15.86
N GLU D 54 20.38 2.38 -15.83
CA GLU D 54 19.95 3.10 -14.65
C GLU D 54 18.65 2.53 -14.13
N TYR D 55 18.65 2.20 -12.85
CA TYR D 55 17.54 1.49 -12.24
C TYR D 55 16.90 2.39 -11.21
N GLU D 56 15.57 2.43 -11.22
CA GLU D 56 14.78 3.12 -10.20
C GLU D 56 13.67 2.23 -9.69
N ALA D 57 13.26 2.42 -8.43
CA ALA D 57 12.15 1.64 -7.91
C ALA D 57 11.34 2.43 -6.92
N TYR D 58 10.10 1.98 -6.66
CA TYR D 58 9.34 2.44 -5.51
C TYR D 58 9.71 1.50 -4.38
N LEU D 59 10.64 1.93 -3.53
CA LEU D 59 11.30 0.92 -2.67
C LEU D 59 10.32 0.09 -1.81
N PRO D 60 9.45 0.75 -1.07
CA PRO D 60 8.58 0.03 -0.12
C PRO D 60 7.88 -1.14 -0.75
N MET D 61 7.16 -0.83 -1.82
CA MET D 61 6.51 -1.84 -2.65
C MET D 61 7.51 -2.90 -3.14
N ALA D 62 8.62 -2.47 -3.71
CA ALA D 62 9.61 -3.44 -4.18
C ALA D 62 10.08 -4.41 -3.11
N GLU D 63 10.40 -3.88 -1.94
CA GLU D 63 10.77 -4.74 -0.83
C GLU D 63 9.64 -5.70 -0.50
N ASN D 64 8.44 -5.18 -0.39
CA ASN D 64 7.33 -6.04 -0.03
C ASN D 64 7.17 -7.20 -1.03
N GLU D 65 7.38 -6.94 -2.33
CA GLU D 65 7.24 -7.99 -3.34
C GLU D 65 8.32 -9.03 -3.21
N VAL D 66 9.54 -8.60 -2.86
CA VAL D 66 10.63 -9.54 -2.66
C VAL D 66 10.37 -10.42 -1.44
N ARG D 67 9.74 -9.85 -0.41
CA ARG D 67 9.38 -10.67 0.73
C ARG D 67 8.35 -11.70 0.36
N LYS D 68 7.43 -11.35 -0.54
CA LYS D 68 6.44 -12.35 -0.98
C LYS D 68 7.15 -13.47 -1.70
N ILE D 69 8.12 -13.11 -2.53
CA ILE D 69 8.84 -14.13 -3.24
C ILE D 69 9.54 -15.06 -2.26
N CYS D 70 10.19 -14.49 -1.24
CA CYS D 70 10.85 -15.35 -0.27
C CYS D 70 9.84 -16.24 0.42
N SER D 71 8.73 -15.68 0.91
CA SER D 71 7.75 -16.53 1.58
C SER D 71 7.34 -17.66 0.64
N ASP D 72 7.03 -17.34 -0.62
CA ASP D 72 6.58 -18.37 -1.56
C ASP D 72 7.62 -19.45 -1.77
N ILE D 73 8.88 -19.05 -1.93
CA ILE D 73 9.94 -20.00 -2.11
C ILE D 73 9.94 -20.97 -0.95
N ARG D 74 9.84 -20.44 0.26
CA ARG D 74 9.98 -21.30 1.43
C ARG D 74 8.79 -22.25 1.54
N GLN D 75 7.68 -21.95 0.89
CA GLN D 75 6.55 -22.88 0.93
C GLN D 75 6.72 -24.00 -0.06
N LYS D 76 7.45 -23.78 -1.14
CA LYS D 76 7.57 -24.80 -2.19
C LYS D 76 8.83 -25.59 -2.10
N TRP D 77 9.84 -25.07 -1.42
CA TRP D 77 11.09 -25.79 -1.33
C TRP D 77 11.75 -25.65 -0.01
N PRO D 78 12.49 -26.68 0.37
CA PRO D 78 13.18 -26.72 1.66
C PRO D 78 14.50 -25.99 1.59
N VAL D 79 14.45 -24.69 1.44
CA VAL D 79 15.67 -23.91 1.42
C VAL D 79 15.99 -23.49 2.84
N LYS D 80 17.20 -22.97 3.03
CA LYS D 80 17.65 -22.49 4.32
C LYS D 80 17.80 -20.97 4.33
N HIS D 81 18.75 -20.42 3.58
CA HIS D 81 18.91 -18.99 3.53
C HIS D 81 18.65 -18.45 2.16
N ILE D 82 18.05 -17.26 2.09
CA ILE D 82 17.88 -16.57 0.83
C ILE D 82 18.45 -15.19 0.92
N ALA D 83 19.03 -14.73 -0.18
CA ALA D 83 19.52 -13.38 -0.26
C ALA D 83 19.22 -12.79 -1.61
N VAL D 84 18.70 -11.58 -1.61
CA VAL D 84 18.35 -10.88 -2.82
C VAL D 84 18.85 -9.46 -2.71
N PHE D 85 19.79 -9.11 -3.58
CA PHE D 85 20.33 -7.78 -3.62
C PHE D 85 20.06 -7.21 -5.00
N HIS D 86 19.54 -5.98 -5.02
CA HIS D 86 19.38 -5.25 -6.26
C HIS D 86 20.06 -3.91 -6.15
N ARG D 87 20.76 -3.53 -7.20
CA ARG D 87 21.45 -2.27 -7.18
C ARG D 87 20.53 -1.24 -7.81
N LEU D 88 20.61 -0.02 -7.33
CA LEU D 88 19.89 1.08 -7.92
C LEU D 88 20.88 2.13 -8.41
N GLY D 89 20.42 2.97 -9.33
CA GLY D 89 21.27 3.99 -9.92
C GLY D 89 21.94 3.45 -11.16
N LEU D 90 23.05 4.09 -11.54
CA LEU D 90 23.77 3.68 -12.73
C LEU D 90 24.51 2.40 -12.43
N VAL D 91 24.35 1.42 -13.31
CA VAL D 91 25.10 0.19 -13.22
C VAL D 91 25.84 0.02 -14.54
N PRO D 92 27.14 0.36 -14.54
CA PRO D 92 27.89 0.26 -15.79
C PRO D 92 28.03 -1.14 -16.35
N VAL D 93 28.33 -1.21 -17.63
CA VAL D 93 28.54 -2.47 -18.35
C VAL D 93 29.38 -3.42 -17.51
N SER D 94 29.01 -4.71 -17.51
CA SER D 94 29.76 -5.76 -16.82
C SER D 94 29.71 -5.67 -15.29
N GLU D 95 29.01 -4.70 -14.71
CA GLU D 95 28.80 -4.69 -13.26
C GLU D 95 27.42 -5.29 -12.95
N ALA D 96 27.25 -5.71 -11.72
CA ALA D 96 26.06 -6.46 -11.38
C ALA D 96 24.92 -5.55 -10.90
N SER D 97 23.73 -5.72 -11.49
CA SER D 97 22.51 -5.04 -11.03
C SER D 97 21.69 -5.90 -10.07
N ILE D 98 21.80 -7.22 -10.17
CA ILE D 98 21.10 -8.08 -9.25
C ILE D 98 21.94 -9.29 -8.92
N ILE D 99 21.96 -9.66 -7.64
CA ILE D 99 22.51 -10.93 -7.20
C ILE D 99 21.50 -11.61 -6.29
N ILE D 100 21.13 -12.85 -6.63
CA ILE D 100 20.32 -13.69 -5.77
C ILE D 100 21.14 -14.91 -5.36
N ALA D 101 20.97 -15.36 -4.12
CA ALA D 101 21.59 -16.61 -3.64
C ALA D 101 20.63 -17.34 -2.71
N VAL D 102 20.60 -18.66 -2.85
CA VAL D 102 19.77 -19.52 -2.04
C VAL D 102 20.56 -20.76 -1.71
N SER D 103 20.40 -21.23 -0.49
CA SER D 103 21.15 -22.37 0.01
C SER D 103 20.21 -23.45 0.54
N SER D 104 20.64 -24.70 0.46
CA SER D 104 19.80 -25.83 0.88
C SER D 104 20.62 -27.06 1.10
N ALA D 105 19.96 -28.06 1.69
CA ALA D 105 20.57 -29.35 1.95
C ALA D 105 21.04 -29.95 0.64
N HIS D 106 20.13 -29.96 -0.33
CA HIS D 106 20.36 -30.60 -1.61
C HIS D 106 20.13 -29.68 -2.75
N ARG D 107 20.75 -29.97 -3.88
CA ARG D 107 20.82 -28.98 -4.95
C ARG D 107 19.51 -28.61 -5.61
N ALA D 108 18.63 -29.59 -5.78
CA ALA D 108 17.35 -29.35 -6.44
C ALA D 108 16.62 -28.12 -5.88
N ALA D 109 16.49 -28.04 -4.56
CA ALA D 109 15.81 -26.93 -3.95
C ALA D 109 16.48 -25.62 -4.35
N SER D 110 17.79 -25.54 -4.19
CA SER D 110 18.43 -24.27 -4.44
C SER D 110 18.34 -23.91 -5.94
N LEU D 111 18.49 -24.88 -6.80
CA LEU D 111 18.44 -24.60 -8.22
C LEU D 111 17.04 -24.07 -8.61
N GLU D 112 16.02 -24.83 -8.25
CA GLU D 112 14.66 -24.48 -8.59
C GLU D 112 14.31 -23.17 -7.94
N ALA D 113 14.71 -22.96 -6.69
CA ALA D 113 14.40 -21.70 -6.01
C ALA D 113 14.99 -20.47 -6.71
N VAL D 114 16.25 -20.55 -7.12
CA VAL D 114 16.91 -19.39 -7.72
C VAL D 114 16.26 -19.05 -9.05
N SER D 115 15.95 -20.05 -9.85
CA SER D 115 15.28 -19.81 -11.11
C SER D 115 13.93 -19.14 -10.91
N TYR D 116 13.18 -19.64 -9.95
CA TYR D 116 11.90 -19.06 -9.69
C TYR D 116 12.06 -17.62 -9.23
N ALA D 117 13.03 -17.41 -8.35
CA ALA D 117 13.27 -16.10 -7.76
C ALA D 117 13.52 -15.07 -8.84
N ILE D 118 14.41 -15.39 -9.77
CA ILE D 118 14.82 -14.40 -10.74
C ILE D 118 13.66 -14.16 -11.69
N ASP D 119 12.96 -15.22 -12.12
CA ASP D 119 11.84 -15.00 -13.07
C ASP D 119 10.77 -14.20 -12.38
N THR D 120 10.49 -14.56 -11.14
CA THR D 120 9.41 -13.88 -10.46
C THR D 120 9.76 -12.42 -10.17
N LEU D 121 11.00 -12.16 -9.82
CA LEU D 121 11.40 -10.80 -9.52
C LEU D 121 11.27 -9.95 -10.77
N LYS D 122 11.76 -10.46 -11.89
CA LYS D 122 11.62 -9.71 -13.12
C LYS D 122 10.16 -9.51 -13.47
N ALA D 123 9.30 -10.45 -13.12
CA ALA D 123 7.91 -10.34 -13.52
C ALA D 123 7.13 -9.43 -12.62
N LYS D 124 7.42 -9.42 -11.32
CA LYS D 124 6.48 -8.85 -10.33
C LYS D 124 7.01 -7.63 -9.54
N VAL D 125 8.30 -7.32 -9.59
CA VAL D 125 8.83 -6.26 -8.73
C VAL D 125 8.93 -4.94 -9.45
N PRO D 126 8.41 -3.84 -8.88
CA PRO D 126 8.40 -2.51 -9.50
C PRO D 126 9.75 -1.81 -9.46
N ILE D 127 10.61 -2.23 -10.39
CA ILE D 127 11.94 -1.68 -10.63
C ILE D 127 12.04 -1.41 -12.10
N TRP D 128 12.54 -0.26 -12.50
CA TRP D 128 12.60 0.05 -13.91
C TRP D 128 13.97 0.37 -14.33
N LYS D 129 14.18 0.26 -15.65
CA LYS D 129 15.51 0.52 -16.20
C LYS D 129 15.47 1.44 -17.40
N LYS D 130 16.41 2.37 -17.47
CA LYS D 130 16.61 3.26 -18.63
C LYS D 130 18.02 2.90 -19.14
N GLU D 131 18.10 2.66 -20.44
CA GLU D 131 19.39 2.47 -21.11
C GLU D 131 20.12 3.80 -21.30
N ILE D 132 21.41 3.83 -20.97
CA ILE D 132 22.27 4.99 -21.23
C ILE D 132 23.22 4.62 -22.38
N TYR D 133 23.18 5.39 -23.48
CA TYR D 133 23.97 5.10 -24.71
C TYR D 133 25.21 6.06 -24.91
N GLU D 134 25.75 6.23 -26.13
CA GLU D 134 26.73 7.34 -26.40
C GLU D 134 26.23 8.54 -27.24
N GLU D 135 26.19 9.73 -26.61
CA GLU D 135 25.58 10.96 -27.20
C GLU D 135 26.62 11.78 -27.98
C1 GOL E . -17.66 22.58 17.72
O1 GOL E . -17.24 23.62 16.82
C2 GOL E . -18.72 23.09 18.74
O2 GOL E . -19.13 21.95 19.53
C3 GOL E . -19.95 23.80 18.14
O3 GOL E . -20.25 25.00 18.93
C1 EDO F . -7.98 4.18 -10.83
O1 EDO F . -8.53 5.44 -11.25
C2 EDO F . -9.03 3.06 -10.77
O2 EDO F . -8.53 2.00 -9.94
C1 EDO G . -11.40 18.66 -7.66
O1 EDO G . -10.32 19.40 -7.11
C2 EDO G . -12.41 18.54 -6.52
O2 EDO G . -13.77 18.49 -7.04
C1 GOL H . -9.83 -4.36 52.01
O1 GOL H . -10.88 -4.21 51.03
C2 GOL H . -10.36 -5.02 53.29
O2 GOL H . -11.25 -4.16 54.03
C3 GOL H . -9.26 -5.47 54.25
O3 GOL H . -9.81 -6.49 55.12
C1 GOL I . -14.18 -0.54 -47.81
O1 GOL I . -14.91 0.42 -48.56
C2 GOL I . -13.43 0.13 -46.65
O2 GOL I . -12.01 0.03 -46.86
C3 GOL I . -13.68 -0.51 -45.28
O3 GOL I . -14.99 -1.09 -45.08
C1 GOL J . 22.32 -33.98 -3.46
O1 GOL J . 22.46 -32.53 -3.77
C2 GOL J . 23.26 -34.58 -2.36
O2 GOL J . 24.13 -33.59 -1.73
C3 GOL J . 24.07 -35.84 -2.83
O3 GOL J . 25.52 -35.71 -2.86
#